data_9F71
#
_entry.id   9F71
#
_cell.length_a   93.465
_cell.length_b   93.465
_cell.length_c   33.190
_cell.angle_alpha   90.00
_cell.angle_beta   90.00
_cell.angle_gamma   120.00
#
_symmetry.space_group_name_H-M   'P 31 2 1'
#
loop_
_entity.id
_entity.type
_entity.pdbx_description
1 polymer 'Bromodomain adjacent to zinc finger domain protein 2A'
2 non-polymer 1-[2,4-dimethyl-5-[(3~{R})-3-[4-(pyrrolidin-1-ylmethyl)-1~{H}-pyrazol-3-yl]piperidin-1-yl]carbonyl-1~{H}-pyrrol-3-yl]ethanone
3 non-polymer 1,2-ETHANEDIOL
4 non-polymer 'MAGNESIUM ION'
5 water water
#
_entity_poly.entity_id   1
_entity_poly.type   'polypeptide(L)'
_entity_poly.pdbx_seq_one_letter_code
;SMHSDLTFCEIILMEMESHDAAWPFLEPVNPRLVSGYRRIIKNPMDFSTMRHRLSRGGYTSSEEFAADALLVFDNCQTFN
EDDSEVGKAGHIMRRFFESRWEEFY
;
_entity_poly.pdbx_strand_id   A
#
# COMPACT_ATOMS: atom_id res chain seq x y z
N HIS A 3 -8.56 3.18 20.13
CA HIS A 3 -8.27 4.24 19.16
C HIS A 3 -9.29 4.23 18.03
N SER A 4 -9.88 5.40 17.75
CA SER A 4 -10.78 5.52 16.62
C SER A 4 -10.02 5.66 15.30
N ASP A 5 -8.79 6.17 15.37
CA ASP A 5 -7.95 6.27 14.18
C ASP A 5 -7.48 4.89 13.73
N LEU A 6 -6.94 4.09 14.67
CA LEU A 6 -6.53 2.73 14.35
C LEU A 6 -7.73 1.89 13.91
N THR A 7 -8.93 2.21 14.41
CA THR A 7 -10.13 1.47 14.03
C THR A 7 -10.38 1.57 12.53
N PHE A 8 -10.35 2.80 11.98
CA PHE A 8 -10.63 2.95 10.57
C PHE A 8 -9.48 2.43 9.70
N CYS A 9 -8.25 2.47 10.21
CA CYS A 9 -7.13 1.89 9.47
C CYS A 9 -7.36 0.41 9.21
N GLU A 10 -7.79 -0.32 10.25
CA GLU A 10 -8.11 -1.72 10.09
C GLU A 10 -9.25 -1.92 9.08
N ILE A 11 -10.20 -1.00 9.05
CA ILE A 11 -11.30 -1.10 8.08
C ILE A 11 -10.78 -0.91 6.66
N ILE A 12 -9.99 0.14 6.45
CA ILE A 12 -9.54 0.46 5.10
C ILE A 12 -8.48 -0.53 4.63
N LEU A 13 -7.64 -1.04 5.54
CA LEU A 13 -6.70 -2.07 5.14
C LEU A 13 -7.44 -3.34 4.73
N MET A 14 -8.51 -3.68 5.43
CA MET A 14 -9.30 -4.86 5.07
C MET A 14 -9.85 -4.73 3.66
N GLU A 15 -10.37 -3.55 3.31
CA GLU A 15 -10.96 -3.34 1.99
C GLU A 15 -9.91 -3.35 0.90
N MET A 16 -8.71 -2.84 1.18
CA MET A 16 -7.66 -2.86 0.17
C MET A 16 -7.15 -4.27 -0.07
N GLU A 17 -6.97 -5.05 1.00
CA GLU A 17 -6.50 -6.42 0.86
C GLU A 17 -7.45 -7.27 0.02
N SER A 18 -8.75 -6.98 0.07
CA SER A 18 -9.76 -7.75 -0.65
C SER A 18 -10.10 -7.17 -2.02
N HIS A 19 -9.55 -6.01 -2.36
CA HIS A 19 -9.88 -5.37 -3.63
C HIS A 19 -9.41 -6.23 -4.80
N ASP A 20 -10.15 -6.16 -5.91
CA ASP A 20 -9.76 -6.87 -7.13
C ASP A 20 -8.35 -6.48 -7.57
N ALA A 21 -8.07 -5.17 -7.61
CA ALA A 21 -6.81 -4.66 -8.13
C ALA A 21 -5.68 -4.66 -7.10
N ALA A 22 -5.83 -5.38 -6.00
CA ALA A 22 -4.78 -5.42 -4.98
C ALA A 22 -3.73 -6.48 -5.23
N TRP A 23 -3.86 -7.25 -6.31
CA TRP A 23 -2.95 -8.38 -6.52
C TRP A 23 -1.46 -8.02 -6.57
N PRO A 24 -1.02 -6.84 -7.02
CA PRO A 24 0.43 -6.58 -7.00
C PRO A 24 0.99 -6.19 -5.64
N PHE A 25 0.14 -5.97 -4.64
CA PHE A 25 0.54 -5.31 -3.41
C PHE A 25 0.31 -6.18 -2.18
N LEU A 26 -0.08 -7.44 -2.36
CA LEU A 26 -0.38 -8.31 -1.24
C LEU A 26 0.85 -8.86 -0.54
N GLU A 27 1.99 -8.89 -1.22
CA GLU A 27 3.24 -9.36 -0.63
C GLU A 27 4.37 -8.52 -1.16
N PRO A 28 5.51 -8.49 -0.45
CA PRO A 28 6.64 -7.66 -0.91
C PRO A 28 7.18 -8.11 -2.27
N VAL A 29 7.62 -7.14 -3.06
CA VAL A 29 8.33 -7.45 -4.30
C VAL A 29 9.61 -8.21 -3.98
N ASN A 30 9.87 -9.27 -4.73
CA ASN A 30 11.12 -10.01 -4.60
C ASN A 30 12.15 -9.37 -5.53
N PRO A 31 13.14 -8.64 -5.00
CA PRO A 31 14.11 -7.98 -5.89
C PRO A 31 14.92 -8.94 -6.72
N ARG A 32 15.14 -10.17 -6.25
CA ARG A 32 15.82 -11.17 -7.06
C ARG A 32 15.08 -11.42 -8.37
N LEU A 33 13.76 -11.23 -8.39
CA LEU A 33 12.93 -11.55 -9.54
C LEU A 33 12.61 -10.35 -10.42
N VAL A 34 12.98 -9.14 -10.00
CA VAL A 34 12.64 -7.90 -10.72
C VAL A 34 13.92 -7.10 -10.91
N SER A 35 14.37 -6.99 -12.16
CA SER A 35 15.63 -6.31 -12.43
C SER A 35 15.51 -4.81 -12.14
N GLY A 36 16.43 -4.30 -11.32
CA GLY A 36 16.51 -2.89 -11.03
C GLY A 36 15.66 -2.41 -9.87
N TYR A 37 14.82 -3.28 -9.30
CA TYR A 37 13.91 -2.83 -8.25
C TYR A 37 14.67 -2.36 -7.03
N ARG A 38 15.65 -3.16 -6.58
CA ARG A 38 16.48 -2.81 -5.44
C ARG A 38 17.13 -1.43 -5.63
N ARG A 39 17.64 -1.18 -6.84
CA ARG A 39 18.36 0.06 -7.12
C ARG A 39 17.43 1.27 -7.15
N ILE A 40 16.17 1.09 -7.55
CA ILE A 40 15.27 2.21 -7.84
C ILE A 40 14.35 2.55 -6.66
N ILE A 41 13.93 1.54 -5.90
CA ILE A 41 12.95 1.73 -4.82
C ILE A 41 13.66 1.62 -3.48
N LYS A 42 13.89 2.77 -2.84
CA LYS A 42 14.68 2.80 -1.61
C LYS A 42 13.93 2.18 -0.44
N ASN A 43 12.63 2.48 -0.29
CA ASN A 43 11.83 1.99 0.83
C ASN A 43 10.63 1.21 0.32
N PRO A 44 10.79 -0.09 0.07
CA PRO A 44 9.65 -0.89 -0.39
C PRO A 44 8.55 -0.99 0.67
N MET A 45 7.35 -1.27 0.20
CA MET A 45 6.17 -1.30 1.07
C MET A 45 5.07 -2.05 0.35
N ASP A 46 4.22 -2.72 1.12
CA ASP A 46 3.12 -3.49 0.57
C ASP A 46 2.09 -3.70 1.68
N PHE A 47 0.98 -4.35 1.33
CA PHE A 47 -0.13 -4.47 2.26
C PHE A 47 0.16 -5.46 3.38
N SER A 48 0.89 -6.53 3.09
CA SER A 48 1.19 -7.50 4.13
C SER A 48 2.13 -6.91 5.18
N THR A 49 3.10 -6.11 4.73
CA THR A 49 3.95 -5.39 5.68
C THR A 49 3.12 -4.44 6.55
N MET A 50 2.11 -3.78 5.95
CA MET A 50 1.23 -2.95 6.75
C MET A 50 0.37 -3.79 7.69
N ARG A 51 -0.14 -4.92 7.20
CA ARG A 51 -0.90 -5.83 8.06
C ARG A 51 -0.05 -6.29 9.24
N HIS A 52 1.21 -6.66 8.99
CA HIS A 52 2.09 -7.13 10.06
CA HIS A 52 2.06 -7.13 10.08
C HIS A 52 2.32 -6.02 11.10
N ARG A 53 2.55 -4.80 10.64
CA ARG A 53 2.85 -3.71 11.57
C ARG A 53 1.61 -3.31 12.37
N LEU A 54 0.42 -3.43 11.79
CA LEU A 54 -0.80 -3.15 12.55
C LEU A 54 -1.05 -4.23 13.61
N SER A 55 -0.77 -5.50 13.27
CA SER A 55 -1.03 -6.61 14.19
C SER A 55 -0.16 -6.52 15.44
N ARG A 56 1.10 -6.13 15.29
CA ARG A 56 2.00 -6.04 16.42
C ARG A 56 1.91 -4.70 17.13
N GLY A 57 0.94 -3.86 16.76
CA GLY A 57 0.76 -2.58 17.42
C GLY A 57 1.81 -1.55 17.08
N GLY A 58 2.40 -1.63 15.88
CA GLY A 58 3.47 -0.76 15.47
C GLY A 58 3.08 0.59 14.88
N TYR A 59 1.80 0.92 14.83
CA TYR A 59 1.36 2.23 14.33
C TYR A 59 0.92 3.08 15.51
N THR A 60 1.53 4.27 15.62
CA THR A 60 1.12 5.24 16.62
C THR A 60 -0.17 5.93 16.22
N SER A 61 -0.15 6.65 15.11
CA SER A 61 -1.29 7.42 14.64
C SER A 61 -1.73 6.91 13.29
N SER A 62 -2.88 7.40 12.84
CA SER A 62 -3.34 7.08 11.49
C SER A 62 -2.49 7.75 10.43
N GLU A 63 -1.72 8.79 10.79
CA GLU A 63 -0.84 9.44 9.82
C GLU A 63 0.25 8.50 9.36
N GLU A 64 0.88 7.78 10.30
CA GLU A 64 1.92 6.82 9.93
C GLU A 64 1.36 5.71 9.05
N PHE A 65 0.11 5.29 9.30
CA PHE A 65 -0.52 4.30 8.44
C PHE A 65 -0.71 4.85 7.04
N ALA A 66 -1.16 6.09 6.93
CA ALA A 66 -1.36 6.71 5.62
C ALA A 66 -0.06 6.85 4.87
N ALA A 67 1.03 7.16 5.58
CA ALA A 67 2.33 7.29 4.94
C ALA A 67 2.76 5.98 4.28
N ASP A 68 2.53 4.85 4.96
CA ASP A 68 2.88 3.57 4.37
C ASP A 68 2.02 3.25 3.16
N ALA A 69 0.73 3.59 3.22
CA ALA A 69 -0.13 3.32 2.07
C ALA A 69 0.27 4.16 0.87
N LEU A 70 0.57 5.44 1.09
CA LEU A 70 0.99 6.28 -0.01
C LEU A 70 2.35 5.85 -0.55
N LEU A 71 3.19 5.26 0.30
CA LEU A 71 4.46 4.72 -0.15
C LEU A 71 4.25 3.60 -1.17
N VAL A 72 3.29 2.71 -0.91
CA VAL A 72 2.99 1.62 -1.84
C VAL A 72 2.74 2.18 -3.25
N PHE A 73 1.91 3.22 -3.34
CA PHE A 73 1.51 3.74 -4.64
C PHE A 73 2.56 4.68 -5.22
N ASP A 74 3.27 5.43 -4.39
CA ASP A 74 4.42 6.18 -4.87
C ASP A 74 5.44 5.25 -5.50
N ASN A 75 5.79 4.16 -4.79
CA ASN A 75 6.74 3.19 -5.34
C ASN A 75 6.21 2.58 -6.63
N CYS A 76 4.92 2.27 -6.67
CA CYS A 76 4.33 1.67 -7.86
C CYS A 76 4.47 2.59 -9.07
N GLN A 77 4.21 3.90 -8.87
CA GLN A 77 4.35 4.86 -9.96
C GLN A 77 5.81 5.18 -10.27
N THR A 78 6.72 5.01 -9.31
CA THR A 78 8.13 5.24 -9.60
C THR A 78 8.71 4.14 -10.48
N PHE A 79 8.31 2.90 -10.24
CA PHE A 79 8.92 1.80 -10.98
C PHE A 79 8.14 1.37 -12.21
N ASN A 80 6.81 1.46 -12.19
CA ASN A 80 5.98 0.87 -13.24
C ASN A 80 5.40 1.95 -14.14
N GLU A 81 5.38 1.67 -15.45
CA GLU A 81 4.71 2.54 -16.40
C GLU A 81 3.22 2.64 -16.06
N ASP A 82 2.66 3.83 -16.29
CA ASP A 82 1.24 4.05 -16.02
C ASP A 82 0.36 3.09 -16.81
N ASP A 83 0.84 2.60 -17.95
CA ASP A 83 0.06 1.66 -18.76
C ASP A 83 0.46 0.21 -18.57
N SER A 84 1.40 -0.07 -17.66
CA SER A 84 1.67 -1.46 -17.33
C SER A 84 0.51 -2.03 -16.53
N GLU A 85 0.47 -3.37 -16.45
CA GLU A 85 -0.58 -4.02 -15.67
C GLU A 85 -0.47 -3.65 -14.20
N VAL A 86 0.75 -3.71 -13.64
CA VAL A 86 0.95 -3.34 -12.24
C VAL A 86 0.61 -1.87 -12.03
N GLY A 87 1.01 -1.02 -12.97
CA GLY A 87 0.73 0.40 -12.83
C GLY A 87 -0.74 0.72 -12.87
N LYS A 88 -1.49 0.03 -13.74
CA LYS A 88 -2.93 0.26 -13.82
C LYS A 88 -3.63 -0.18 -12.54
N ALA A 89 -3.20 -1.30 -11.96
CA ALA A 89 -3.77 -1.73 -10.68
C ALA A 89 -3.44 -0.74 -9.57
N GLY A 90 -2.28 -0.09 -9.62
CA GLY A 90 -1.92 0.85 -8.58
C GLY A 90 -2.73 2.13 -8.63
N HIS A 91 -3.03 2.61 -9.84
CA HIS A 91 -3.89 3.80 -9.96
C HIS A 91 -5.27 3.51 -9.42
N ILE A 92 -5.82 2.33 -9.71
CA ILE A 92 -7.09 1.93 -9.14
C ILE A 92 -7.01 1.88 -7.61
N MET A 93 -5.93 1.28 -7.09
CA MET A 93 -5.80 1.16 -5.64
C MET A 93 -5.52 2.51 -4.99
N ARG A 94 -4.73 3.36 -5.64
CA ARG A 94 -4.44 4.68 -5.09
C ARG A 94 -5.70 5.53 -5.03
N ARG A 95 -6.48 5.56 -6.12
CA ARG A 95 -7.71 6.35 -6.10
C ARG A 95 -8.68 5.81 -5.05
N PHE A 96 -8.76 4.48 -4.90
CA PHE A 96 -9.60 3.90 -3.87
C PHE A 96 -9.17 4.35 -2.49
N PHE A 97 -7.86 4.32 -2.20
CA PHE A 97 -7.42 4.70 -0.87
C PHE A 97 -7.65 6.18 -0.61
N GLU A 98 -7.31 7.04 -1.57
CA GLU A 98 -7.47 8.47 -1.36
C GLU A 98 -8.92 8.83 -1.08
N SER A 99 -9.85 8.28 -1.85
CA SER A 99 -11.26 8.60 -1.65
C SER A 99 -11.76 8.05 -0.32
N ARG A 100 -11.43 6.79 -0.02
CA ARG A 100 -11.89 6.18 1.22
C ARG A 100 -11.30 6.89 2.43
N TRP A 101 -10.02 7.25 2.37
CA TRP A 101 -9.38 7.94 3.48
C TRP A 101 -10.01 9.31 3.72
N GLU A 102 -10.49 9.98 2.67
CA GLU A 102 -11.06 11.30 2.81
C GLU A 102 -12.53 11.25 3.23
N GLU A 103 -13.28 10.24 2.81
CA GLU A 103 -14.62 10.05 3.36
C GLU A 103 -14.78 9.65 4.82
N PHE A 104 -13.66 9.45 5.50
CA PHE A 104 -13.60 9.44 6.96
C PHE A 104 -12.96 10.62 7.66
N TYR A 105 -11.86 11.13 7.11
CA TYR A 105 -11.17 12.28 7.67
C TYR A 105 -11.35 13.52 6.78
#